data_9FZE
#
_entry.id   9FZE
#
_cell.length_a   68.697
_cell.length_b   89.076
_cell.length_c   83.452
_cell.angle_alpha   90.00
_cell.angle_beta   90.00
_cell.angle_gamma   90.00
#
_symmetry.space_group_name_H-M   'P 21 21 21'
#
loop_
_entity.id
_entity.type
_entity.pdbx_description
1 polymer 'Peptidoglycan D,D-transpeptidase FtsI'
2 non-polymer '(4R,5S)-3-{[(3S,5S)-5-(dimethylcarbamoyl)pyrrolidin-3-yl]sulfanyl}-5-[(2S,3R)-3-hydroxy-1-oxobutan-2-yl]-4-methyl-4,5-d ihydro-1H-pyrrole-2-carboxylic acid'
3 water water
#
_entity_poly.entity_id   1
_entity_poly.type   'polypeptide(L)'
_entity_poly.pdbx_seq_one_letter_code
;GGSVRHIAIPAHRGLITDRNGEPLAVSTPVTTLWANPKELMTAKERWPQLAAALGQDTKLFADRIEQNAEREFIYLVRGL
TPEQGEGVIALKVPGVYSIEEFRRFYPAGEVVAHAVGFTDVDDRGREGIELAFDEWLAGVPGKRQVLKDRRGRVIKDVQV
TKNAKPGKTLALSIDLRLQYLAHRELRNALLENGAKAGSLVIMDVKTGEILAMTNQPTYNPNNRRNLQPAAMRNRAMIDV
FEPGSTVKPFSMSAALASGRWKPSDIVDVYPGTLQIGRYTIRDVSRNSRQLDLTGILIKSSNVGISKIAFDIGAESIYSV
MQQVGLGQDTGLGFPGERVGNLPNHRKWPKAETATLAYGYGLSVTAIQLAHAYAALANDGKSVPLSMTRVDRVPDGVQVI
SPEVASTVQGMLQQVVEAQGGVFRAQVPGYHAAGKSGTARKVSVGTKGYRENAYRSLFAGFAPATDPRIAMVVVIDEPSK
AGYFGGLVSAPVFSKVMAGALRLMNVPPDNLPTEFEA
;
_entity_poly.pdbx_strand_id   A
#
loop_
_chem_comp.id
_chem_comp.type
_chem_comp.name
_chem_comp.formula
MER non-polymer '(4R,5S)-3-{[(3S,5S)-5-(dimethylcarbamoyl)pyrrolidin-3-yl]sulfanyl}-5-[(2S,3R)-3-hydroxy-1-oxobutan-2-yl]-4-methyl-4,5-d ihydro-1H-pyrrole-2-carboxylic acid' 'C17 H27 N3 O5 S'
#
# COMPACT_ATOMS: atom_id res chain seq x y z
N GLY A 1 -50.60 8.74 -18.95
CA GLY A 1 -50.70 10.12 -18.49
C GLY A 1 -50.85 10.23 -16.99
N GLY A 2 -50.16 9.37 -16.24
CA GLY A 2 -50.23 9.40 -14.79
C GLY A 2 -49.51 8.26 -14.11
N SER A 3 -48.27 8.51 -13.69
CA SER A 3 -47.48 7.54 -12.94
C SER A 3 -46.26 8.22 -12.34
N VAL A 4 -46.21 8.30 -11.01
CA VAL A 4 -45.10 8.94 -10.31
C VAL A 4 -44.04 7.88 -10.01
N ARG A 5 -42.81 8.13 -10.46
CA ARG A 5 -41.68 7.24 -10.23
C ARG A 5 -40.61 8.00 -9.46
N HIS A 6 -39.97 7.31 -8.52
CA HIS A 6 -38.90 7.92 -7.75
C HIS A 6 -37.58 7.84 -8.50
N ILE A 7 -36.85 8.95 -8.51
CA ILE A 7 -35.55 9.06 -9.17
C ILE A 7 -34.50 9.38 -8.13
N ALA A 8 -33.37 8.68 -8.19
CA ALA A 8 -32.29 8.93 -7.24
C ALA A 8 -31.56 10.22 -7.59
N ILE A 9 -31.15 10.95 -6.56
CA ILE A 9 -30.32 12.14 -6.74
C ILE A 9 -28.90 11.78 -6.34
N PRO A 10 -28.03 11.47 -7.30
CA PRO A 10 -26.68 11.02 -6.94
C PRO A 10 -25.91 12.09 -6.16
N ALA A 11 -25.17 11.65 -5.16
CA ALA A 11 -24.44 12.56 -4.29
C ALA A 11 -23.03 12.79 -4.83
N HIS A 12 -22.48 13.96 -4.53
CA HIS A 12 -21.12 14.31 -4.92
C HIS A 12 -20.14 13.57 -4.01
N ARG A 13 -19.37 12.66 -4.59
CA ARG A 13 -18.45 11.85 -3.80
C ARG A 13 -17.31 12.70 -3.25
N GLY A 14 -16.89 12.40 -2.03
CA GLY A 14 -15.93 13.24 -1.35
C GLY A 14 -14.57 13.23 -2.01
N LEU A 15 -13.92 14.39 -1.99
CA LEU A 15 -12.59 14.53 -2.56
C LEU A 15 -11.56 13.79 -1.71
N ILE A 16 -10.62 13.13 -2.37
CA ILE A 16 -9.48 12.50 -1.72
C ILE A 16 -8.23 13.29 -2.07
N THR A 17 -7.46 13.67 -1.06
CA THR A 17 -6.22 14.41 -1.24
C THR A 17 -5.08 13.67 -0.56
N ASP A 18 -3.87 14.12 -0.84
CA ASP A 18 -2.71 13.66 -0.08
C ASP A 18 -2.67 14.45 1.22
N ARG A 19 -1.58 14.33 1.98
CA ARG A 19 -1.50 15.01 3.27
C ARG A 19 -1.44 16.52 3.14
N ASN A 20 -1.03 17.04 1.98
CA ASN A 20 -0.92 18.47 1.76
C ASN A 20 -2.04 19.03 0.89
N GLY A 21 -3.08 18.25 0.63
CA GLY A 21 -4.20 18.72 -0.15
C GLY A 21 -4.08 18.52 -1.64
N GLU A 22 -3.09 17.79 -2.11
CA GLU A 22 -2.96 17.53 -3.54
C GLU A 22 -4.04 16.54 -3.97
N PRO A 23 -4.80 16.84 -5.03
CA PRO A 23 -5.92 15.98 -5.39
C PRO A 23 -5.47 14.59 -5.83
N LEU A 24 -6.19 13.58 -5.34
CA LEU A 24 -5.93 12.20 -5.71
C LEU A 24 -7.14 11.49 -6.30
N ALA A 25 -8.35 11.83 -5.87
CA ALA A 25 -9.58 11.30 -6.43
C ALA A 25 -10.60 12.43 -6.47
N VAL A 26 -11.01 12.82 -7.68
CA VAL A 26 -11.87 13.97 -7.89
C VAL A 26 -13.14 13.52 -8.59
N SER A 27 -14.29 13.85 -8.02
CA SER A 27 -15.57 13.59 -8.68
C SER A 27 -15.77 14.58 -9.81
N THR A 28 -15.86 14.07 -11.03
CA THR A 28 -16.00 14.92 -12.20
C THR A 28 -17.43 14.88 -12.73
N PRO A 29 -18.06 16.03 -12.92
CA PRO A 29 -19.42 16.03 -13.49
C PRO A 29 -19.43 15.40 -14.88
N VAL A 30 -20.32 14.43 -15.06
CA VAL A 30 -20.47 13.72 -16.33
C VAL A 30 -21.94 13.75 -16.74
N THR A 31 -22.20 13.36 -17.97
CA THR A 31 -23.55 13.29 -18.52
C THR A 31 -23.82 11.86 -18.97
N THR A 32 -24.85 11.26 -18.39
CA THR A 32 -25.28 9.90 -18.73
C THR A 32 -26.55 9.99 -19.57
N LEU A 33 -26.54 9.32 -20.71
CA LEU A 33 -27.67 9.33 -21.63
C LEU A 33 -28.48 8.04 -21.46
N TRP A 34 -29.79 8.18 -21.31
CA TRP A 34 -30.70 7.05 -21.28
C TRP A 34 -31.87 7.34 -22.23
N ALA A 35 -32.59 6.28 -22.58
CA ALA A 35 -33.65 6.40 -23.58
C ALA A 35 -34.90 5.68 -23.12
N ASN A 36 -36.05 6.20 -23.56
CA ASN A 36 -37.32 5.51 -23.41
C ASN A 36 -37.63 4.80 -24.72
N PRO A 37 -37.53 3.48 -24.78
CA PRO A 37 -37.75 2.79 -26.06
C PRO A 37 -39.14 2.98 -26.63
N LYS A 38 -40.14 3.24 -25.78
CA LYS A 38 -41.49 3.47 -26.28
C LYS A 38 -41.56 4.73 -27.14
N GLU A 39 -40.78 5.75 -26.82
CA GLU A 39 -40.73 6.94 -27.66
C GLU A 39 -39.83 6.73 -28.87
N LEU A 40 -38.74 5.96 -28.73
CA LEU A 40 -37.88 5.65 -29.87
C LEU A 40 -38.64 4.88 -30.94
N MET A 41 -39.63 4.07 -30.53
CA MET A 41 -40.42 3.31 -31.50
C MET A 41 -41.23 4.20 -32.42
N THR A 42 -41.50 5.44 -32.03
CA THR A 42 -42.24 6.38 -32.86
C THR A 42 -41.35 7.17 -33.80
N ALA A 43 -40.03 7.02 -33.71
CA ALA A 43 -39.09 7.76 -34.54
C ALA A 43 -37.97 6.84 -35.02
N LYS A 44 -38.36 5.73 -35.66
CA LYS A 44 -37.36 4.76 -36.13
C LYS A 44 -36.43 5.35 -37.17
N GLU A 45 -36.91 6.30 -37.97
CA GLU A 45 -36.05 6.90 -38.99
C GLU A 45 -34.90 7.71 -38.40
N ARG A 46 -34.94 7.99 -37.10
CA ARG A 46 -33.85 8.69 -36.42
C ARG A 46 -32.78 7.76 -35.88
N TRP A 47 -33.02 6.45 -35.86
CA TRP A 47 -32.12 5.52 -35.18
C TRP A 47 -30.70 5.53 -35.74
N PRO A 48 -30.48 5.40 -37.06
CA PRO A 48 -29.08 5.35 -37.53
C PRO A 48 -28.27 6.59 -37.17
N GLN A 49 -28.89 7.76 -37.11
CA GLN A 49 -28.16 8.95 -36.67
C GLN A 49 -27.84 8.85 -35.18
N LEU A 50 -28.77 8.38 -34.37
CA LEU A 50 -28.51 8.21 -32.94
C LEU A 50 -27.46 7.12 -32.71
N ALA A 51 -27.54 6.02 -33.46
CA ALA A 51 -26.58 4.94 -33.31
C ALA A 51 -25.16 5.40 -33.66
N ALA A 52 -25.02 6.21 -34.69
CA ALA A 52 -23.70 6.72 -35.06
C ALA A 52 -23.17 7.69 -34.01
N ALA A 53 -24.05 8.53 -33.45
CA ALA A 53 -23.61 9.44 -32.40
C ALA A 53 -23.17 8.70 -31.16
N LEU A 54 -23.72 7.51 -30.92
CA LEU A 54 -23.33 6.67 -29.80
C LEU A 54 -22.21 5.70 -30.15
N GLY A 55 -21.75 5.70 -31.40
CA GLY A 55 -20.71 4.77 -31.82
C GLY A 55 -21.18 3.33 -31.90
N GLN A 56 -22.46 3.12 -32.17
CA GLN A 56 -23.04 1.78 -32.21
C GLN A 56 -23.37 1.39 -33.65
N ASP A 57 -23.31 0.09 -33.92
CA ASP A 57 -23.69 -0.42 -35.22
C ASP A 57 -25.16 -0.14 -35.49
N THR A 58 -25.48 0.19 -36.73
CA THR A 58 -26.84 0.60 -37.08
C THR A 58 -27.85 -0.52 -36.78
N LYS A 59 -27.58 -1.72 -37.28
CA LYS A 59 -28.53 -2.81 -37.12
C LYS A 59 -28.52 -3.38 -35.71
N LEU A 60 -27.35 -3.44 -35.07
CA LEU A 60 -27.30 -3.92 -33.69
C LEU A 60 -28.05 -2.99 -32.75
N PHE A 61 -27.93 -1.68 -32.96
CA PHE A 61 -28.68 -0.73 -32.14
C PHE A 61 -30.17 -0.88 -32.36
N ALA A 62 -30.59 -1.09 -33.61
CA ALA A 62 -32.01 -1.30 -33.88
C ALA A 62 -32.53 -2.56 -33.21
N ASP A 63 -31.73 -3.62 -33.18
CA ASP A 63 -32.13 -4.84 -32.48
C ASP A 63 -32.31 -4.58 -30.98
N ARG A 64 -31.40 -3.82 -30.39
CA ARG A 64 -31.48 -3.54 -28.96
C ARG A 64 -32.75 -2.76 -28.62
N ILE A 65 -33.13 -1.80 -29.46
CA ILE A 65 -34.34 -1.03 -29.19
C ILE A 65 -35.58 -1.90 -29.39
N GLU A 66 -35.57 -2.75 -30.42
CA GLU A 66 -36.73 -3.60 -30.68
C GLU A 66 -36.93 -4.63 -29.59
N GLN A 67 -35.83 -5.17 -29.04
CA GLN A 67 -35.94 -6.16 -27.97
C GLN A 67 -36.41 -5.55 -26.66
N ASN A 68 -36.27 -4.24 -26.48
CA ASN A 68 -36.73 -3.54 -25.28
C ASN A 68 -37.89 -2.61 -25.58
N ALA A 69 -38.69 -2.93 -26.60
CA ALA A 69 -39.75 -2.02 -27.04
C ALA A 69 -40.79 -1.79 -25.96
N GLU A 70 -40.99 -2.75 -25.06
CA GLU A 70 -41.97 -2.61 -24.00
C GLU A 70 -41.41 -1.98 -22.73
N ARG A 71 -40.09 -1.94 -22.59
CA ARG A 71 -39.49 -1.26 -21.44
C ARG A 71 -39.59 0.25 -21.60
N GLU A 72 -39.41 0.96 -20.50
CA GLU A 72 -39.44 2.41 -20.48
C GLU A 72 -38.10 3.03 -20.13
N PHE A 73 -37.10 2.23 -19.79
CA PHE A 73 -35.79 2.75 -19.43
C PHE A 73 -34.72 1.76 -19.90
N ILE A 74 -33.77 2.27 -20.68
CA ILE A 74 -32.52 1.58 -20.96
C ILE A 74 -31.40 2.60 -20.95
N TYR A 75 -30.20 2.14 -20.64
CA TYR A 75 -29.02 2.99 -20.74
C TYR A 75 -28.54 3.05 -22.18
N LEU A 76 -28.11 4.24 -22.60
CA LEU A 76 -27.46 4.42 -23.89
C LEU A 76 -25.93 4.46 -23.75
N VAL A 77 -25.43 5.33 -22.88
CA VAL A 77 -24.01 5.42 -22.59
C VAL A 77 -23.86 6.21 -21.29
N ARG A 78 -22.96 5.75 -20.43
CA ARG A 78 -22.73 6.38 -19.14
C ARG A 78 -21.38 7.08 -19.12
N GLY A 79 -21.32 8.18 -18.39
CA GLY A 79 -20.06 8.86 -18.14
C GLY A 79 -19.49 9.63 -19.33
N LEU A 80 -20.33 10.35 -20.06
CA LEU A 80 -19.84 11.24 -21.10
C LEU A 80 -19.50 12.59 -20.50
N THR A 81 -18.59 13.30 -21.17
CA THR A 81 -18.31 14.67 -20.76
C THR A 81 -19.51 15.55 -21.11
N PRO A 82 -19.71 16.65 -20.38
CA PRO A 82 -20.85 17.54 -20.69
C PRO A 82 -20.87 18.02 -22.14
N GLU A 83 -19.74 18.07 -22.81
CA GLU A 83 -19.73 18.44 -24.22
C GLU A 83 -20.29 17.32 -25.09
N GLN A 84 -19.88 16.08 -24.84
CA GLN A 84 -20.36 14.96 -25.62
C GLN A 84 -21.85 14.72 -25.39
N GLY A 85 -22.29 14.79 -24.15
CA GLY A 85 -23.70 14.55 -23.85
C GLY A 85 -24.62 15.54 -24.53
N GLU A 86 -24.27 16.83 -24.47
CA GLU A 86 -25.08 17.85 -25.12
C GLU A 86 -25.05 17.71 -26.64
N GLY A 87 -23.98 17.12 -27.19
CA GLY A 87 -23.93 16.88 -28.62
C GLY A 87 -24.99 15.88 -29.08
N VAL A 88 -25.26 14.86 -28.25
CA VAL A 88 -26.30 13.91 -28.58
C VAL A 88 -27.68 14.48 -28.26
N ILE A 89 -27.78 15.27 -27.19
CA ILE A 89 -29.05 15.92 -26.86
C ILE A 89 -29.47 16.88 -27.96
N ALA A 90 -28.50 17.50 -28.65
CA ALA A 90 -28.80 18.43 -29.72
C ALA A 90 -29.46 17.76 -30.93
N LEU A 91 -29.48 16.43 -30.97
CA LEU A 91 -30.13 15.74 -32.10
C LEU A 91 -31.65 15.79 -32.00
N LYS A 92 -32.20 16.12 -30.83
CA LYS A 92 -33.65 16.18 -30.61
C LYS A 92 -34.33 14.86 -30.95
N VAL A 93 -33.66 13.74 -30.68
CA VAL A 93 -34.28 12.44 -30.95
C VAL A 93 -35.34 12.16 -29.90
N PRO A 94 -36.56 11.84 -30.29
CA PRO A 94 -37.62 11.59 -29.29
C PRO A 94 -37.29 10.39 -28.42
N GLY A 95 -37.31 10.61 -27.10
CA GLY A 95 -37.08 9.56 -26.14
C GLY A 95 -35.68 9.51 -25.55
N VAL A 96 -34.79 10.41 -25.96
CA VAL A 96 -33.43 10.45 -25.44
C VAL A 96 -33.40 11.49 -24.31
N TYR A 97 -32.95 11.05 -23.13
CA TYR A 97 -32.85 11.92 -21.96
C TYR A 97 -31.44 11.86 -21.40
N SER A 98 -31.10 12.85 -20.58
CA SER A 98 -29.77 12.96 -20.00
C SER A 98 -29.85 12.96 -18.48
N ILE A 99 -28.81 12.44 -17.85
CA ILE A 99 -28.68 12.39 -16.40
C ILE A 99 -27.33 12.98 -16.02
N GLU A 100 -27.33 13.93 -15.09
CA GLU A 100 -26.12 14.57 -14.62
C GLU A 100 -25.67 13.85 -13.35
N GLU A 101 -24.55 13.12 -13.45
CA GLU A 101 -23.95 12.47 -12.30
C GLU A 101 -22.45 12.74 -12.25
N PHE A 102 -21.70 11.98 -11.46
CA PHE A 102 -20.29 12.21 -11.28
C PHE A 102 -19.49 10.93 -11.53
N ARG A 103 -18.25 11.10 -11.97
CA ARG A 103 -17.32 10.00 -12.18
C ARG A 103 -15.95 10.39 -11.65
N ARG A 104 -15.26 9.41 -11.06
CA ARG A 104 -13.97 9.68 -10.44
C ARG A 104 -12.89 9.92 -11.49
N PHE A 105 -12.04 10.92 -11.23
CA PHE A 105 -10.81 11.12 -11.97
C PHE A 105 -9.65 11.11 -10.99
N TYR A 106 -8.55 10.45 -11.38
CA TYR A 106 -7.38 10.28 -10.52
C TYR A 106 -6.19 10.98 -11.13
N PRO A 107 -5.82 12.18 -10.65
CA PRO A 107 -4.75 12.94 -11.32
C PRO A 107 -3.40 12.25 -11.28
N ALA A 108 -3.07 11.54 -10.20
CA ALA A 108 -1.79 10.88 -10.10
C ALA A 108 -1.74 9.57 -10.89
N GLY A 109 -2.88 8.97 -11.19
CA GLY A 109 -2.89 7.79 -12.02
C GLY A 109 -2.26 6.60 -11.33
N GLU A 110 -1.33 5.96 -12.04
CA GLU A 110 -0.71 4.72 -11.58
C GLU A 110 0.26 4.92 -10.43
N VAL A 111 0.63 6.16 -10.12
CA VAL A 111 1.64 6.40 -9.08
C VAL A 111 1.11 5.98 -7.72
N VAL A 112 -0.19 6.15 -7.47
CA VAL A 112 -0.78 5.84 -6.16
C VAL A 112 -2.04 5.02 -6.38
N ALA A 113 -2.01 4.14 -7.40
CA ALA A 113 -3.21 3.39 -7.77
C ALA A 113 -3.67 2.45 -6.67
N HIS A 114 -2.73 1.70 -6.08
CA HIS A 114 -3.11 0.68 -5.11
C HIS A 114 -3.63 1.30 -3.82
N ALA A 115 -3.04 2.42 -3.40
CA ALA A 115 -3.46 3.04 -2.14
C ALA A 115 -4.83 3.70 -2.29
N VAL A 116 -5.01 4.52 -3.32
CA VAL A 116 -6.28 5.23 -3.50
C VAL A 116 -7.37 4.24 -3.90
N GLY A 117 -7.06 3.29 -4.77
CA GLY A 117 -8.06 2.38 -5.27
C GLY A 117 -8.88 3.01 -6.37
N PHE A 118 -10.09 2.47 -6.56
CA PHE A 118 -10.95 2.97 -7.63
C PHE A 118 -12.40 2.68 -7.29
N THR A 119 -13.29 3.39 -7.98
CA THR A 119 -14.72 3.12 -7.95
C THR A 119 -15.14 2.40 -9.23
N ASP A 120 -16.38 1.93 -9.24
CA ASP A 120 -16.93 1.25 -10.41
C ASP A 120 -17.81 2.22 -11.18
N VAL A 121 -18.60 1.69 -12.13
CA VAL A 121 -19.45 2.54 -12.96
C VAL A 121 -20.57 3.19 -12.16
N ASP A 122 -20.93 2.63 -11.01
CA ASP A 122 -21.96 3.20 -10.15
C ASP A 122 -21.41 4.17 -9.12
N ASP A 123 -20.15 4.58 -9.26
CA ASP A 123 -19.49 5.49 -8.32
C ASP A 123 -19.46 4.91 -6.91
N ARG A 124 -19.26 3.60 -6.81
CA ARG A 124 -19.13 2.90 -5.54
C ARG A 124 -17.69 2.44 -5.38
N GLY A 125 -17.12 2.69 -4.20
CA GLY A 125 -15.76 2.26 -3.90
C GLY A 125 -15.61 0.76 -3.96
N ARG A 126 -14.58 0.28 -4.66
CA ARG A 126 -14.37 -1.15 -4.84
C ARG A 126 -12.95 -1.61 -4.53
N GLU A 127 -12.04 -0.69 -4.20
CA GLU A 127 -10.66 -1.06 -3.93
C GLU A 127 -9.97 0.09 -3.21
N GLY A 128 -9.00 -0.27 -2.36
CA GLY A 128 -8.15 0.69 -1.69
C GLY A 128 -8.92 1.63 -0.77
N ILE A 129 -8.45 2.89 -0.73
CA ILE A 129 -9.10 3.90 0.11
C ILE A 129 -10.55 4.10 -0.30
N GLU A 130 -10.83 4.04 -1.61
CA GLU A 130 -12.19 4.26 -2.10
C GLU A 130 -13.19 3.32 -1.42
N LEU A 131 -12.80 2.07 -1.21
CA LEU A 131 -13.66 1.11 -0.53
C LEU A 131 -13.52 1.18 0.98
N ALA A 132 -12.29 1.30 1.48
CA ALA A 132 -12.06 1.30 2.93
C ALA A 132 -12.78 2.46 3.61
N PHE A 133 -12.90 3.60 2.93
CA PHE A 133 -13.61 4.76 3.46
C PHE A 133 -14.79 5.11 2.56
N ASP A 134 -15.54 4.10 2.13
CA ASP A 134 -16.61 4.34 1.17
C ASP A 134 -17.75 5.14 1.78
N GLU A 135 -18.22 4.74 2.97
CA GLU A 135 -19.34 5.44 3.60
C GLU A 135 -18.99 6.90 3.87
N TRP A 136 -17.73 7.18 4.23
CA TRP A 136 -17.30 8.55 4.46
C TRP A 136 -17.32 9.36 3.17
N LEU A 137 -16.89 8.76 2.06
CA LEU A 137 -16.75 9.47 0.80
C LEU A 137 -18.02 9.48 -0.04
N ALA A 138 -18.92 8.52 0.16
CA ALA A 138 -20.05 8.36 -0.76
C ALA A 138 -21.17 9.35 -0.47
N GLY A 139 -21.41 9.67 0.80
CA GLY A 139 -22.55 10.49 1.14
C GLY A 139 -23.84 9.69 1.07
N VAL A 140 -24.95 10.42 0.94
CA VAL A 140 -26.28 9.82 0.89
C VAL A 140 -27.00 10.34 -0.36
N PRO A 141 -27.43 9.47 -1.27
CA PRO A 141 -28.19 9.94 -2.43
C PRO A 141 -29.54 10.50 -2.02
N GLY A 142 -30.04 11.42 -2.83
CA GLY A 142 -31.34 12.03 -2.59
C GLY A 142 -32.45 11.35 -3.35
N LYS A 143 -33.68 11.76 -3.04
CA LYS A 143 -34.89 11.18 -3.61
C LYS A 143 -35.73 12.29 -4.22
N ARG A 144 -36.21 12.07 -5.45
CA ARG A 144 -37.10 13.01 -6.10
C ARG A 144 -38.16 12.23 -6.86
N GLN A 145 -39.31 12.88 -7.08
CA GLN A 145 -40.44 12.28 -7.77
C GLN A 145 -40.67 12.97 -9.10
N VAL A 146 -40.96 12.17 -10.13
CA VAL A 146 -41.18 12.68 -11.48
C VAL A 146 -42.40 11.99 -12.07
N LEU A 147 -43.11 12.71 -12.93
CA LEU A 147 -44.32 12.20 -13.57
C LEU A 147 -43.99 11.70 -14.96
N LYS A 148 -44.35 10.45 -15.23
CA LYS A 148 -44.23 9.85 -16.56
C LYS A 148 -45.61 9.41 -17.04
N ASP A 149 -45.81 9.52 -18.35
N ASP A 149 -45.85 9.54 -18.34
CA ASP A 149 -47.03 9.04 -18.99
CA ASP A 149 -47.12 9.07 -18.87
C ASP A 149 -47.11 7.52 -18.92
C ASP A 149 -47.05 7.56 -19.12
N ARG A 150 -48.20 6.98 -19.42
CA ARG A 150 -48.32 5.54 -19.62
C ARG A 150 -47.54 5.04 -20.83
N ARG A 151 -46.96 5.94 -21.62
CA ARG A 151 -46.01 5.58 -22.67
C ARG A 151 -44.58 5.95 -22.30
N GLY A 152 -44.32 6.37 -21.06
CA GLY A 152 -42.99 6.56 -20.55
C GLY A 152 -42.38 7.93 -20.75
N ARG A 153 -43.13 8.88 -21.32
CA ARG A 153 -42.59 10.22 -21.57
C ARG A 153 -42.57 11.03 -20.28
N VAL A 154 -41.43 11.66 -19.99
CA VAL A 154 -41.31 12.52 -18.82
C VAL A 154 -42.17 13.76 -19.00
N ILE A 155 -42.95 14.09 -17.98
CA ILE A 155 -43.90 15.20 -18.02
C ILE A 155 -43.44 16.37 -17.16
N LYS A 156 -43.26 16.13 -15.86
CA LYS A 156 -42.91 17.21 -14.95
C LYS A 156 -42.32 16.62 -13.68
N ASP A 157 -41.65 17.48 -12.91
CA ASP A 157 -41.17 17.11 -11.59
C ASP A 157 -42.30 17.26 -10.58
N VAL A 158 -42.46 16.25 -9.72
CA VAL A 158 -43.52 16.26 -8.73
C VAL A 158 -43.02 16.99 -7.49
N GLN A 159 -42.11 16.35 -6.75
CA GLN A 159 -41.49 17.00 -5.59
C GLN A 159 -40.21 16.25 -5.25
N VAL A 160 -39.32 16.94 -4.55
CA VAL A 160 -38.11 16.35 -4.01
C VAL A 160 -38.42 15.81 -2.63
N THR A 161 -38.20 14.51 -2.42
CA THR A 161 -38.49 13.90 -1.13
C THR A 161 -37.33 14.09 -0.15
N LYS A 162 -36.15 13.61 -0.52
CA LYS A 162 -34.95 13.76 0.30
C LYS A 162 -33.85 14.41 -0.53
N ASN A 163 -33.12 15.33 0.08
CA ASN A 163 -32.02 16.00 -0.58
C ASN A 163 -30.74 15.19 -0.45
N ALA A 164 -29.94 15.20 -1.52
CA ALA A 164 -28.70 14.42 -1.53
C ALA A 164 -27.67 15.07 -0.61
N LYS A 165 -27.00 14.24 0.20
CA LYS A 165 -25.93 14.71 1.07
C LYS A 165 -24.59 14.35 0.45
N PRO A 166 -23.73 15.32 0.14
CA PRO A 166 -22.47 15.00 -0.53
C PRO A 166 -21.48 14.30 0.40
N GLY A 167 -20.50 13.65 -0.21
CA GLY A 167 -19.46 13.00 0.53
C GLY A 167 -18.52 13.99 1.21
N LYS A 168 -17.65 13.46 2.06
CA LYS A 168 -16.74 14.28 2.85
C LYS A 168 -15.32 14.14 2.33
N THR A 169 -14.58 15.25 2.36
CA THR A 169 -13.18 15.24 1.94
C THR A 169 -12.36 14.36 2.88
N LEU A 170 -11.43 13.61 2.30
CA LEU A 170 -10.54 12.73 3.06
C LEU A 170 -9.10 13.00 2.65
N ALA A 171 -8.29 13.42 3.61
CA ALA A 171 -6.87 13.69 3.39
C ALA A 171 -6.06 12.47 3.82
N LEU A 172 -5.33 11.87 2.87
CA LEU A 172 -4.56 10.68 3.16
C LEU A 172 -3.26 11.04 3.88
N SER A 173 -2.60 10.00 4.41
CA SER A 173 -1.28 10.18 5.00
C SER A 173 -0.19 10.27 3.94
N ILE A 174 -0.48 9.83 2.71
CA ILE A 174 0.53 9.82 1.66
C ILE A 174 0.98 11.24 1.35
N ASP A 175 2.30 11.41 1.20
CA ASP A 175 2.88 12.61 0.62
C ASP A 175 3.10 12.33 -0.86
N LEU A 176 2.33 13.01 -1.72
CA LEU A 176 2.39 12.73 -3.15
C LEU A 176 3.79 12.97 -3.71
N ARG A 177 4.53 13.91 -3.13
CA ARG A 177 5.92 14.13 -3.55
C ARG A 177 6.77 12.89 -3.29
N LEU A 178 6.69 12.34 -2.07
CA LEU A 178 7.40 11.11 -1.77
C LEU A 178 6.84 9.93 -2.55
N GLN A 179 5.53 9.93 -2.83
CA GLN A 179 4.94 8.86 -3.63
C GLN A 179 5.53 8.83 -5.03
N TYR A 180 5.66 9.99 -5.66
CA TYR A 180 6.30 10.06 -6.98
C TYR A 180 7.74 9.56 -6.93
N LEU A 181 8.49 9.96 -5.89
CA LEU A 181 9.88 9.54 -5.78
C LEU A 181 9.98 8.03 -5.57
N ALA A 182 9.19 7.49 -4.65
CA ALA A 182 9.21 6.06 -4.41
C ALA A 182 8.74 5.27 -5.62
N HIS A 183 7.77 5.79 -6.35
CA HIS A 183 7.26 5.11 -7.54
C HIS A 183 8.34 4.96 -8.59
N ARG A 184 9.02 6.05 -8.93
CA ARG A 184 10.01 6.01 -10.00
C ARG A 184 11.23 5.20 -9.60
N GLU A 185 11.74 5.41 -8.38
CA GLU A 185 12.97 4.72 -7.97
C GLU A 185 12.75 3.22 -7.82
N LEU A 186 11.57 2.81 -7.35
CA LEU A 186 11.26 1.39 -7.34
C LEU A 186 11.14 0.85 -8.75
N ARG A 187 10.61 1.67 -9.68
N ARG A 187 10.60 1.67 -9.67
CA ARG A 187 10.51 1.23 -11.07
CA ARG A 187 10.51 1.25 -11.06
C ARG A 187 11.89 1.13 -11.72
C ARG A 187 11.89 1.13 -11.70
N ASN A 188 12.78 2.07 -11.40
CA ASN A 188 14.14 2.02 -11.95
C ASN A 188 14.91 0.83 -11.39
N ALA A 189 14.66 0.47 -10.14
CA ALA A 189 15.38 -0.64 -9.53
C ALA A 189 14.98 -1.98 -10.14
N LEU A 190 13.70 -2.12 -10.50
CA LEU A 190 13.25 -3.36 -11.13
C LEU A 190 13.89 -3.54 -12.51
N LEU A 191 14.01 -2.45 -13.27
CA LEU A 191 14.62 -2.55 -14.59
C LEU A 191 16.12 -2.84 -14.48
N GLU A 192 16.82 -2.15 -13.57
CA GLU A 192 18.26 -2.35 -13.43
C GLU A 192 18.59 -3.75 -12.93
N ASN A 193 17.74 -4.32 -12.08
CA ASN A 193 17.97 -5.65 -11.53
C ASN A 193 17.19 -6.73 -12.25
N GLY A 194 16.46 -6.40 -13.30
CA GLY A 194 15.71 -7.40 -14.02
C GLY A 194 14.61 -8.05 -13.22
N ALA A 195 14.01 -7.32 -12.30
CA ALA A 195 12.97 -7.83 -11.41
C ALA A 195 11.59 -7.54 -11.97
N LYS A 196 10.62 -8.42 -11.64
CA LYS A 196 9.25 -8.26 -12.13
C LYS A 196 8.32 -7.54 -11.16
N ALA A 197 8.48 -7.70 -9.84
CA ALA A 197 7.56 -7.09 -8.89
C ALA A 197 8.33 -6.55 -7.70
N GLY A 198 7.64 -5.79 -6.87
CA GLY A 198 8.25 -5.22 -5.68
C GLY A 198 7.33 -4.22 -5.01
N SER A 199 7.74 -3.79 -3.82
N SER A 199 7.74 -3.79 -3.82
CA SER A 199 6.99 -2.83 -3.05
CA SER A 199 6.98 -2.81 -3.05
C SER A 199 7.95 -1.93 -2.28
C SER A 199 7.94 -1.94 -2.26
N LEU A 200 7.45 -0.76 -1.89
CA LEU A 200 8.23 0.19 -1.09
C LEU A 200 7.26 0.92 -0.17
N VAL A 201 7.59 0.97 1.11
CA VAL A 201 6.75 1.59 2.12
C VAL A 201 7.58 2.61 2.88
N ILE A 202 7.05 3.83 3.01
CA ILE A 202 7.67 4.89 3.79
C ILE A 202 6.73 5.25 4.93
N MET A 203 7.30 5.39 6.14
CA MET A 203 6.50 5.67 7.32
C MET A 203 7.13 6.78 8.14
N ASP A 204 6.26 7.58 8.78
CA ASP A 204 6.67 8.54 9.78
C ASP A 204 6.69 7.81 11.13
N VAL A 205 7.87 7.69 11.73
CA VAL A 205 8.01 6.86 12.92
C VAL A 205 7.33 7.49 14.13
N LYS A 206 7.13 8.81 14.13
CA LYS A 206 6.49 9.47 15.27
C LYS A 206 4.98 9.38 15.20
N THR A 207 4.41 9.49 14.00
CA THR A 207 2.96 9.59 13.83
C THR A 207 2.31 8.31 13.33
N GLY A 208 3.08 7.33 12.87
CA GLY A 208 2.51 6.14 12.29
C GLY A 208 1.93 6.32 10.90
N GLU A 209 2.06 7.51 10.32
CA GLU A 209 1.52 7.76 8.99
C GLU A 209 2.31 7.01 7.93
N ILE A 210 1.59 6.46 6.94
CA ILE A 210 2.22 5.87 5.76
C ILE A 210 2.45 7.01 4.78
N LEU A 211 3.70 7.45 4.67
CA LEU A 211 4.02 8.58 3.80
C LEU A 211 4.11 8.18 2.33
N ALA A 212 4.35 6.91 2.03
CA ALA A 212 4.37 6.44 0.66
C ALA A 212 4.14 4.93 0.67
N MET A 213 3.40 4.44 -0.33
CA MET A 213 3.18 3.01 -0.49
C MET A 213 3.00 2.75 -1.99
N THR A 214 4.03 2.20 -2.62
CA THR A 214 4.01 1.91 -4.04
C THR A 214 4.24 0.43 -4.27
N ASN A 215 3.57 -0.11 -5.29
CA ASN A 215 3.74 -1.50 -5.70
C ASN A 215 4.03 -1.56 -7.19
N GLN A 216 4.90 -2.49 -7.57
CA GLN A 216 5.14 -2.79 -8.96
C GLN A 216 4.81 -4.26 -9.24
N PRO A 217 4.15 -4.56 -10.36
CA PRO A 217 3.64 -3.63 -11.38
C PRO A 217 2.42 -2.85 -10.91
N THR A 218 2.04 -1.78 -11.61
CA THR A 218 0.89 -0.99 -11.23
C THR A 218 -0.03 -0.80 -12.42
N TYR A 219 -1.06 0.04 -12.27
CA TYR A 219 -2.05 0.21 -13.32
C TYR A 219 -2.63 1.62 -13.24
N ASN A 220 -3.17 2.08 -14.38
CA ASN A 220 -3.83 3.37 -14.44
C ASN A 220 -5.29 3.19 -14.05
N PRO A 221 -5.73 3.73 -12.89
CA PRO A 221 -7.13 3.55 -12.49
C PRO A 221 -8.12 4.30 -13.36
N ASN A 222 -7.65 5.24 -14.20
CA ASN A 222 -8.54 5.93 -15.12
C ASN A 222 -8.88 5.11 -16.35
N ASN A 223 -8.19 4.00 -16.58
N ASN A 223 -8.19 3.99 -16.57
CA ASN A 223 -8.46 3.13 -17.72
CA ASN A 223 -8.47 3.14 -17.73
C ASN A 223 -9.04 1.80 -17.26
C ASN A 223 -9.03 1.79 -17.26
N ARG A 224 -8.15 0.92 -16.79
CA ARG A 224 -8.54 -0.41 -16.29
C ARG A 224 -9.23 -1.26 -17.34
N ARG A 225 -8.86 -1.07 -18.60
CA ARG A 225 -9.27 -1.98 -19.67
C ARG A 225 -8.18 -3.02 -19.88
N ASN A 226 -8.56 -4.29 -19.92
CA ASN A 226 -7.62 -5.40 -20.00
C ASN A 226 -6.58 -5.33 -18.87
N LEU A 227 -7.10 -5.34 -17.65
CA LEU A 227 -6.27 -5.23 -16.46
C LEU A 227 -6.12 -6.60 -15.82
N GLN A 228 -4.88 -7.04 -15.66
CA GLN A 228 -4.54 -8.33 -15.07
C GLN A 228 -4.50 -8.23 -13.55
N PRO A 229 -4.89 -9.30 -12.86
CA PRO A 229 -4.83 -9.28 -11.39
C PRO A 229 -3.43 -9.11 -10.84
N ALA A 230 -2.39 -9.31 -11.66
CA ALA A 230 -1.03 -9.11 -11.18
C ALA A 230 -0.75 -7.63 -10.93
N ALA A 231 -1.26 -6.76 -11.80
CA ALA A 231 -1.02 -5.33 -11.63
C ALA A 231 -1.91 -4.72 -10.56
N MET A 232 -3.08 -5.30 -10.30
CA MET A 232 -3.98 -4.81 -9.27
C MET A 232 -3.63 -5.30 -7.88
N ARG A 233 -2.58 -6.12 -7.75
CA ARG A 233 -2.23 -6.71 -6.46
C ARG A 233 -1.53 -5.67 -5.60
N ASN A 234 -2.15 -5.31 -4.48
CA ASN A 234 -1.54 -4.40 -3.50
C ASN A 234 -0.55 -5.21 -2.67
N ARG A 235 0.65 -5.36 -3.23
CA ARG A 235 1.62 -6.31 -2.69
C ARG A 235 2.10 -5.92 -1.29
N ALA A 236 2.22 -4.62 -1.02
CA ALA A 236 2.74 -4.19 0.28
C ALA A 236 1.85 -4.65 1.43
N MET A 237 0.56 -4.88 1.17
CA MET A 237 -0.37 -5.29 2.21
C MET A 237 -0.85 -6.74 2.07
N ILE A 238 -0.56 -7.40 0.95
CA ILE A 238 -1.16 -8.68 0.62
C ILE A 238 -0.11 -9.79 0.57
N ASP A 239 1.01 -9.54 -0.08
CA ASP A 239 2.03 -10.56 -0.24
C ASP A 239 2.75 -10.81 1.09
N VAL A 240 2.61 -12.02 1.61
CA VAL A 240 3.26 -12.41 2.86
C VAL A 240 4.53 -13.17 2.54
N PHE A 241 5.52 -13.06 3.42
CA PHE A 241 6.81 -13.71 3.21
C PHE A 241 7.51 -13.85 4.56
N GLU A 242 8.46 -14.77 4.61
CA GLU A 242 9.29 -14.91 5.79
C GLU A 242 10.29 -13.76 5.85
N PRO A 243 10.24 -12.90 6.86
CA PRO A 243 11.10 -11.70 6.85
C PRO A 243 12.57 -12.00 6.99
N GLY A 244 12.94 -13.20 7.41
CA GLY A 244 14.34 -13.59 7.49
C GLY A 244 15.21 -12.71 8.37
N SER A 245 16.31 -12.25 7.80
CA SER A 245 17.33 -11.52 8.55
C SER A 245 16.88 -10.14 9.01
N THR A 246 15.76 -9.66 8.49
CA THR A 246 15.30 -8.31 8.80
C THR A 246 14.68 -8.20 10.19
N VAL A 247 14.40 -9.33 10.83
CA VAL A 247 13.87 -9.31 12.20
C VAL A 247 14.92 -9.65 13.24
N LYS A 248 16.16 -9.90 12.82
CA LYS A 248 17.24 -10.04 13.79
C LYS A 248 17.41 -8.84 14.72
N PRO A 249 17.19 -7.59 14.30
CA PRO A 249 17.24 -6.48 15.27
C PRO A 249 16.25 -6.63 16.41
N PHE A 250 15.14 -7.35 16.20
CA PHE A 250 14.17 -7.55 17.26
C PHE A 250 14.53 -8.72 18.15
N SER A 251 15.20 -9.74 17.61
CA SER A 251 15.81 -10.74 18.48
C SER A 251 16.92 -10.12 19.33
N MET A 252 17.64 -9.15 18.77
CA MET A 252 18.69 -8.48 19.52
C MET A 252 18.11 -7.59 20.61
N SER A 253 16.95 -6.96 20.35
CA SER A 253 16.30 -6.13 21.37
C SER A 253 15.90 -6.96 22.58
N ALA A 254 15.40 -8.18 22.35
CA ALA A 254 15.07 -9.06 23.46
C ALA A 254 16.32 -9.46 24.24
N ALA A 255 17.43 -9.66 23.54
CA ALA A 255 18.67 -10.04 24.21
C ALA A 255 19.21 -8.89 25.07
N LEU A 256 19.20 -7.68 24.54
CA LEU A 256 19.70 -6.53 25.28
C LEU A 256 18.82 -6.18 26.47
N ALA A 257 17.55 -6.58 26.45
CA ALA A 257 16.62 -6.29 27.55
C ALA A 257 16.56 -7.41 28.58
N SER A 258 17.12 -8.59 28.28
CA SER A 258 17.09 -9.69 29.22
C SER A 258 18.05 -9.49 30.38
N GLY A 259 19.05 -8.63 30.23
CA GLY A 259 20.06 -8.43 31.24
C GLY A 259 21.28 -9.33 31.10
N ARG A 260 21.31 -10.19 30.09
CA ARG A 260 22.39 -11.16 29.92
C ARG A 260 23.30 -10.84 28.74
N TRP A 261 23.05 -9.76 28.02
CA TRP A 261 23.81 -9.46 26.81
C TRP A 261 24.12 -7.98 26.72
N LYS A 262 25.29 -7.68 26.17
CA LYS A 262 25.74 -6.33 25.87
C LYS A 262 26.38 -6.34 24.49
N PRO A 263 26.38 -5.19 23.80
CA PRO A 263 26.89 -5.18 22.41
C PRO A 263 28.32 -5.66 22.26
N SER A 264 29.13 -5.60 23.31
CA SER A 264 30.51 -6.04 23.24
C SER A 264 30.67 -7.54 23.47
N ASP A 265 29.59 -8.26 23.77
CA ASP A 265 29.68 -9.70 23.98
C ASP A 265 30.09 -10.41 22.70
N ILE A 266 30.72 -11.57 22.87
CA ILE A 266 31.27 -12.35 21.77
C ILE A 266 30.50 -13.66 21.66
N VAL A 267 30.19 -14.07 20.44
CA VAL A 267 29.57 -15.35 20.15
C VAL A 267 30.46 -16.10 19.16
N ASP A 268 30.72 -17.37 19.44
CA ASP A 268 31.51 -18.22 18.55
C ASP A 268 30.57 -18.87 17.54
N VAL A 269 30.69 -18.48 16.27
CA VAL A 269 29.85 -19.03 15.21
C VAL A 269 30.59 -20.04 14.35
N TYR A 270 31.82 -20.39 14.70
CA TYR A 270 32.57 -21.38 13.94
C TYR A 270 31.85 -22.72 13.98
N PRO A 271 31.87 -23.49 12.88
CA PRO A 271 32.43 -23.18 11.56
C PRO A 271 31.37 -22.63 10.61
N GLY A 272 30.39 -21.90 11.12
CA GLY A 272 29.30 -21.42 10.31
C GLY A 272 28.08 -22.33 10.26
N THR A 273 28.09 -23.42 11.03
CA THR A 273 26.96 -24.32 11.12
C THR A 273 26.69 -24.66 12.58
N LEU A 274 25.53 -25.25 12.84
CA LEU A 274 25.17 -25.67 14.19
C LEU A 274 24.10 -26.75 14.08
N GLN A 275 24.33 -27.87 14.76
CA GLN A 275 23.45 -29.03 14.69
C GLN A 275 22.37 -28.94 15.77
N ILE A 276 21.11 -28.97 15.36
CA ILE A 276 19.97 -28.99 16.28
C ILE A 276 19.14 -30.21 15.88
N GLY A 277 19.42 -31.35 16.50
CA GLY A 277 18.75 -32.58 16.11
C GLY A 277 19.17 -32.99 14.72
N ARG A 278 18.20 -33.21 13.83
CA ARG A 278 18.52 -33.45 12.43
C ARG A 278 18.67 -32.14 11.67
N TYR A 279 18.00 -31.09 12.13
CA TYR A 279 18.12 -29.78 11.50
C TYR A 279 19.52 -29.21 11.73
N THR A 280 20.04 -28.49 10.74
CA THR A 280 21.37 -27.89 10.82
C THR A 280 21.27 -26.42 10.43
N ILE A 281 21.44 -25.54 11.40
CA ILE A 281 21.52 -24.12 11.12
C ILE A 281 22.78 -23.84 10.32
N ARG A 282 22.66 -23.02 9.29
CA ARG A 282 23.77 -22.75 8.39
C ARG A 282 23.77 -21.29 7.98
N ASP A 283 24.90 -20.63 8.15
CA ASP A 283 25.07 -19.25 7.70
C ASP A 283 25.46 -19.23 6.22
N VAL A 284 25.09 -18.15 5.54
CA VAL A 284 25.52 -17.98 4.15
C VAL A 284 27.03 -17.75 4.10
N SER A 285 27.52 -16.79 4.88
N SER A 285 27.52 -16.79 4.88
CA SER A 285 28.95 -16.52 4.98
CA SER A 285 28.94 -16.52 4.99
C SER A 285 29.52 -17.33 6.14
C SER A 285 29.52 -17.34 6.14
N ARG A 286 30.42 -18.26 5.83
CA ARG A 286 30.98 -19.15 6.84
C ARG A 286 32.49 -18.95 6.98
N ASN A 287 32.91 -17.69 7.19
CA ASN A 287 34.32 -17.34 7.33
C ASN A 287 34.59 -16.65 8.66
N SER A 288 33.84 -16.98 9.69
CA SER A 288 33.93 -16.30 10.98
C SER A 288 34.01 -17.30 12.12
N ARG A 289 34.64 -16.86 13.21
CA ARG A 289 34.61 -17.59 14.47
C ARG A 289 33.94 -16.72 15.53
N GLN A 290 34.68 -15.78 16.11
CA GLN A 290 34.13 -14.89 17.11
C GLN A 290 33.60 -13.62 16.45
N LEU A 291 32.38 -13.24 16.83
CA LEU A 291 31.77 -11.99 16.37
C LEU A 291 31.08 -11.34 17.55
N ASP A 292 31.15 -10.01 17.62
CA ASP A 292 30.35 -9.31 18.60
C ASP A 292 28.92 -9.19 18.10
N LEU A 293 28.06 -8.55 18.89
CA LEU A 293 26.65 -8.48 18.54
C LEU A 293 26.43 -7.70 17.25
N THR A 294 27.22 -6.64 17.03
CA THR A 294 27.12 -5.90 15.78
C THR A 294 27.65 -6.72 14.61
N GLY A 295 28.75 -7.44 14.82
CA GLY A 295 29.28 -8.30 13.78
C GLY A 295 28.34 -9.43 13.41
N ILE A 296 27.49 -9.86 14.34
CA ILE A 296 26.49 -10.87 14.02
C ILE A 296 25.49 -10.33 13.01
N LEU A 297 25.08 -9.07 13.16
CA LEU A 297 24.16 -8.47 12.21
C LEU A 297 24.84 -8.16 10.88
N ILE A 298 26.11 -7.73 10.92
CA ILE A 298 26.83 -7.41 9.70
C ILE A 298 27.04 -8.66 8.85
N LYS A 299 27.48 -9.74 9.49
CA LYS A 299 27.64 -11.02 8.80
C LYS A 299 26.33 -11.77 8.64
N SER A 300 25.28 -11.38 9.36
CA SER A 300 23.99 -12.08 9.36
C SER A 300 24.17 -13.55 9.68
N SER A 301 24.83 -13.83 10.81
CA SER A 301 25.05 -15.20 11.24
C SER A 301 23.78 -15.74 11.86
N ASN A 302 23.14 -16.70 11.18
CA ASN A 302 22.01 -17.39 11.78
C ASN A 302 22.44 -18.19 12.99
N VAL A 303 23.67 -18.74 12.96
CA VAL A 303 24.18 -19.46 14.12
C VAL A 303 24.34 -18.52 15.31
N GLY A 304 24.85 -17.31 15.07
CA GLY A 304 25.08 -16.38 16.16
C GLY A 304 23.80 -15.95 16.84
N ILE A 305 22.75 -15.68 16.06
CA ILE A 305 21.50 -15.23 16.66
C ILE A 305 20.74 -16.41 17.27
N SER A 306 20.96 -17.62 16.77
CA SER A 306 20.33 -18.80 17.36
C SER A 306 20.88 -19.09 18.75
N LYS A 307 22.21 -19.02 18.91
CA LYS A 307 22.81 -19.25 20.22
C LYS A 307 22.34 -18.21 21.23
N ILE A 308 22.17 -16.96 20.78
CA ILE A 308 21.62 -15.93 21.66
C ILE A 308 20.18 -16.26 22.01
N ALA A 309 19.41 -16.76 21.04
CA ALA A 309 18.01 -17.11 21.29
C ALA A 309 17.90 -18.25 22.30
N PHE A 310 18.80 -19.23 22.21
CA PHE A 310 18.80 -20.33 23.18
C PHE A 310 19.07 -19.82 24.60
N ASP A 311 19.90 -18.77 24.72
CA ASP A 311 20.28 -18.27 26.03
C ASP A 311 19.14 -17.47 26.68
N ILE A 312 18.45 -16.65 25.88
CA ILE A 312 17.40 -15.79 26.44
C ILE A 312 16.01 -16.42 26.36
N GLY A 313 15.80 -17.41 25.49
CA GLY A 313 14.49 -18.02 25.34
C GLY A 313 13.68 -17.39 24.23
N ALA A 314 12.89 -18.20 23.54
CA ALA A 314 12.11 -17.69 22.41
C ALA A 314 10.97 -16.80 22.86
N GLU A 315 10.50 -16.98 24.10
CA GLU A 315 9.37 -16.18 24.58
C GLU A 315 9.69 -14.70 24.56
N SER A 316 10.89 -14.32 25.02
CA SER A 316 11.27 -12.91 25.00
C SER A 316 11.33 -12.36 23.58
N ILE A 317 11.69 -13.21 22.61
CA ILE A 317 11.74 -12.77 21.22
C ILE A 317 10.32 -12.69 20.63
N TYR A 318 9.49 -13.69 20.93
CA TYR A 318 8.11 -13.67 20.45
C TYR A 318 7.36 -12.47 21.00
N SER A 319 7.61 -12.11 22.26
CA SER A 319 6.90 -11.00 22.88
C SER A 319 7.22 -9.68 22.18
N VAL A 320 8.49 -9.46 21.82
CA VAL A 320 8.86 -8.24 21.12
C VAL A 320 8.23 -8.22 19.73
N MET A 321 8.29 -9.34 19.01
CA MET A 321 7.73 -9.40 17.66
C MET A 321 6.21 -9.23 17.68
N GLN A 322 5.54 -9.80 18.67
CA GLN A 322 4.09 -9.68 18.76
C GLN A 322 3.67 -8.24 19.01
N GLN A 323 4.36 -7.54 19.91
CA GLN A 323 3.96 -6.20 20.29
C GLN A 323 4.29 -5.15 19.24
N VAL A 324 5.28 -5.41 18.37
CA VAL A 324 5.56 -4.50 17.27
C VAL A 324 4.69 -4.77 16.05
N GLY A 325 3.79 -5.75 16.12
CA GLY A 325 2.77 -5.94 15.12
C GLY A 325 3.03 -7.03 14.10
N LEU A 326 4.14 -7.76 14.21
CA LEU A 326 4.44 -8.79 13.23
C LEU A 326 3.42 -9.92 13.31
N GLY A 327 2.85 -10.27 12.15
CA GLY A 327 1.81 -11.27 12.11
C GLY A 327 0.52 -10.86 12.78
N GLN A 328 0.32 -9.56 12.98
CA GLN A 328 -0.87 -9.04 13.65
C GLN A 328 -1.71 -8.23 12.67
N ASP A 329 -2.98 -8.03 13.05
CA ASP A 329 -3.86 -7.19 12.27
C ASP A 329 -3.39 -5.74 12.32
N THR A 330 -3.35 -5.09 11.17
CA THR A 330 -2.89 -3.70 11.11
C THR A 330 -3.97 -2.71 11.55
N GLY A 331 -5.23 -3.09 11.46
CA GLY A 331 -6.32 -2.18 11.75
C GLY A 331 -6.60 -1.15 10.69
N LEU A 332 -5.90 -1.20 9.56
CA LEU A 332 -6.12 -0.24 8.49
C LEU A 332 -7.45 -0.45 7.78
N GLY A 333 -8.03 -1.63 7.87
CA GLY A 333 -9.30 -1.89 7.22
C GLY A 333 -9.26 -1.84 5.71
N PHE A 334 -8.16 -2.29 5.10
CA PHE A 334 -7.98 -2.31 3.66
C PHE A 334 -8.46 -3.63 3.08
N PRO A 335 -9.01 -3.61 1.86
CA PRO A 335 -9.51 -4.85 1.26
C PRO A 335 -8.37 -5.77 0.86
N GLY A 336 -8.62 -7.07 0.98
CA GLY A 336 -7.63 -8.08 0.65
C GLY A 336 -6.44 -8.12 1.58
N GLU A 337 -6.51 -7.43 2.72
CA GLU A 337 -5.37 -7.35 3.62
C GLU A 337 -5.08 -8.71 4.23
N ARG A 338 -3.80 -9.07 4.25
CA ARG A 338 -3.36 -10.35 4.83
C ARG A 338 -2.56 -10.10 6.09
N VAL A 339 -2.77 -10.95 7.08
CA VAL A 339 -2.17 -10.75 8.40
C VAL A 339 -0.83 -11.46 8.55
N GLY A 340 -0.64 -12.61 7.90
CA GLY A 340 0.56 -13.38 8.06
C GLY A 340 0.42 -14.38 9.18
N ASN A 341 1.53 -14.74 9.84
CA ASN A 341 1.46 -15.70 10.93
C ASN A 341 2.69 -15.55 11.81
N LEU A 342 2.47 -15.28 13.08
CA LEU A 342 3.52 -15.34 14.09
C LEU A 342 3.23 -16.54 14.99
N PRO A 343 3.88 -17.68 14.77
CA PRO A 343 3.52 -18.89 15.53
C PRO A 343 3.86 -18.74 17.00
N ASN A 344 3.11 -19.46 17.83
CA ASN A 344 3.32 -19.46 19.26
C ASN A 344 3.35 -20.90 19.76
N HIS A 345 4.14 -21.12 20.81
CA HIS A 345 4.28 -22.44 21.42
C HIS A 345 4.11 -22.32 22.93
N ARG A 346 3.51 -23.34 23.53
CA ARG A 346 3.50 -23.44 24.98
C ARG A 346 4.90 -23.72 25.50
N LYS A 347 5.62 -24.64 24.86
CA LYS A 347 7.02 -24.92 25.15
C LYS A 347 7.78 -24.87 23.83
N TRP A 348 8.53 -23.80 23.63
CA TRP A 348 9.27 -23.59 22.38
C TRP A 348 10.39 -24.61 22.24
N PRO A 349 10.34 -25.52 21.26
CA PRO A 349 11.46 -26.43 21.04
C PRO A 349 12.67 -25.67 20.54
N LYS A 350 13.81 -26.36 20.53
CA LYS A 350 15.07 -25.71 20.17
C LYS A 350 15.09 -25.29 18.70
N ALA A 351 14.48 -26.09 17.82
CA ALA A 351 14.49 -25.75 16.39
C ALA A 351 13.67 -24.50 16.11
N GLU A 352 12.43 -24.46 16.60
CA GLU A 352 11.58 -23.30 16.35
C GLU A 352 12.10 -22.04 17.03
N THR A 353 12.88 -22.20 18.11
CA THR A 353 13.48 -21.04 18.75
C THR A 353 14.49 -20.37 17.83
N ALA A 354 15.30 -21.17 17.12
CA ALA A 354 16.32 -20.61 16.24
C ALA A 354 15.70 -19.95 15.02
N THR A 355 14.82 -20.68 14.31
CA THR A 355 14.23 -20.14 13.09
C THR A 355 13.43 -18.87 13.36
N LEU A 356 12.83 -18.75 14.54
CA LEU A 356 12.17 -17.50 14.91
C LEU A 356 13.18 -16.37 15.02
N ALA A 357 14.39 -16.68 15.51
CA ALA A 357 15.37 -15.63 15.78
C ALA A 357 15.94 -15.04 14.50
N TYR A 358 16.14 -15.86 13.46
CA TYR A 358 16.64 -15.35 12.19
C TYR A 358 15.55 -15.30 11.11
N GLY A 359 14.28 -15.34 11.50
CA GLY A 359 13.21 -14.94 10.61
C GLY A 359 12.59 -16.01 9.75
N TYR A 360 12.64 -17.27 10.15
CA TYR A 360 11.97 -18.35 9.43
C TYR A 360 10.79 -18.87 10.25
N GLY A 361 9.81 -19.43 9.54
CA GLY A 361 8.61 -19.95 10.16
C GLY A 361 7.48 -18.95 10.25
N LEU A 362 7.82 -17.69 10.52
CA LEU A 362 6.83 -16.62 10.58
C LEU A 362 6.75 -15.91 9.23
N SER A 363 5.60 -15.30 8.98
CA SER A 363 5.35 -14.61 7.72
C SER A 363 4.73 -13.24 8.02
N VAL A 364 5.24 -12.21 7.36
CA VAL A 364 4.79 -10.84 7.56
C VAL A 364 4.59 -10.19 6.20
N THR A 365 4.06 -8.97 6.23
CA THR A 365 3.91 -8.15 5.03
C THR A 365 4.92 -7.01 5.08
N ALA A 366 5.06 -6.33 3.94
CA ALA A 366 5.95 -5.17 3.90
C ALA A 366 5.43 -4.05 4.79
N ILE A 367 4.11 -3.94 4.94
CA ILE A 367 3.55 -2.94 5.86
C ILE A 367 3.87 -3.28 7.31
N GLN A 368 3.72 -4.56 7.67
CA GLN A 368 4.04 -4.97 9.04
C GLN A 368 5.51 -4.77 9.36
N LEU A 369 6.39 -5.09 8.41
CA LEU A 369 7.83 -4.93 8.63
C LEU A 369 8.20 -3.46 8.78
N ALA A 370 7.57 -2.58 7.98
CA ALA A 370 7.81 -1.16 8.14
C ALA A 370 7.29 -0.66 9.48
N HIS A 371 6.12 -1.14 9.90
CA HIS A 371 5.58 -0.76 11.20
C HIS A 371 6.51 -1.19 12.33
N ALA A 372 7.11 -2.37 12.20
CA ALA A 372 8.00 -2.87 13.24
C ALA A 372 9.28 -2.03 13.33
N TYR A 373 9.82 -1.63 12.17
CA TYR A 373 11.00 -0.76 12.19
C TYR A 373 10.65 0.66 12.60
N ALA A 374 9.40 1.08 12.38
CA ALA A 374 8.98 2.40 12.86
C ALA A 374 9.04 2.47 14.37
N ALA A 375 8.58 1.41 15.05
CA ALA A 375 8.61 1.40 16.51
C ALA A 375 10.05 1.42 17.03
N LEU A 376 10.93 0.61 16.43
CA LEU A 376 12.33 0.63 16.82
C LEU A 376 12.95 2.00 16.61
N ALA A 377 12.62 2.64 15.49
CA ALA A 377 13.15 3.97 15.21
C ALA A 377 12.56 5.02 16.15
N ASN A 378 11.30 4.84 16.56
CA ASN A 378 10.62 5.78 17.45
C ASN A 378 11.01 5.57 18.91
N ASP A 379 12.27 5.22 19.17
CA ASP A 379 12.78 4.98 20.52
C ASP A 379 11.99 3.90 21.25
N GLY A 380 11.53 2.89 20.49
CA GLY A 380 10.85 1.75 21.06
C GLY A 380 9.36 1.90 21.25
N LYS A 381 8.79 3.05 20.91
CA LYS A 381 7.36 3.28 21.07
C LYS A 381 6.64 2.96 19.76
N SER A 382 5.65 2.06 19.84
CA SER A 382 4.88 1.66 18.68
C SER A 382 3.64 2.54 18.54
N VAL A 383 3.47 3.13 17.37
CA VAL A 383 2.32 3.99 17.06
C VAL A 383 1.48 3.27 16.01
N PRO A 384 0.16 3.18 16.17
CA PRO A 384 -0.65 2.44 15.21
C PRO A 384 -0.58 3.04 13.82
N LEU A 385 -0.70 2.16 12.82
CA LEU A 385 -0.63 2.56 11.43
C LEU A 385 -1.82 3.43 11.04
N SER A 386 -1.62 4.27 10.04
CA SER A 386 -2.69 5.12 9.52
C SER A 386 -2.40 5.46 8.06
N MET A 387 -3.39 5.20 7.21
CA MET A 387 -3.36 5.64 5.82
C MET A 387 -3.96 7.03 5.64
N THR A 388 -4.49 7.62 6.71
CA THR A 388 -5.04 8.96 6.70
C THR A 388 -4.14 9.89 7.50
N ARG A 389 -4.27 11.19 7.22
CA ARG A 389 -3.44 12.18 7.89
C ARG A 389 -3.70 12.18 9.39
N VAL A 390 -2.63 12.18 10.17
CA VAL A 390 -2.71 12.19 11.63
C VAL A 390 -2.44 13.61 12.11
N ASP A 391 -3.46 14.24 12.67
CA ASP A 391 -3.31 15.55 13.28
C ASP A 391 -2.99 15.43 14.76
N ARG A 392 -3.73 14.58 15.47
CA ARG A 392 -3.48 14.29 16.88
C ARG A 392 -2.79 12.94 16.97
N VAL A 393 -1.50 12.95 17.31
CA VAL A 393 -0.71 11.73 17.40
C VAL A 393 -1.22 10.92 18.60
N PRO A 394 -1.64 9.67 18.39
CA PRO A 394 -2.15 8.87 19.51
C PRO A 394 -1.03 8.46 20.44
N ASP A 395 -1.42 8.17 21.69
CA ASP A 395 -0.48 7.64 22.67
C ASP A 395 -0.11 6.22 22.29
N GLY A 396 1.15 6.02 21.92
CA GLY A 396 1.60 4.70 21.54
C GLY A 396 1.77 3.79 22.75
N VAL A 397 2.47 2.70 22.52
CA VAL A 397 2.84 1.75 23.57
C VAL A 397 4.35 1.58 23.54
N GLN A 398 4.99 1.77 24.70
CA GLN A 398 6.43 1.57 24.82
C GLN A 398 6.75 0.08 24.81
N VAL A 399 7.06 -0.46 23.63
CA VAL A 399 7.34 -1.88 23.50
C VAL A 399 8.78 -2.20 23.89
N ILE A 400 9.73 -1.45 23.32
CA ILE A 400 11.14 -1.59 23.64
C ILE A 400 11.55 -0.37 24.45
N SER A 401 12.31 -0.59 25.53
CA SER A 401 12.75 0.52 26.35
C SER A 401 13.62 1.46 25.53
N PRO A 402 13.55 2.77 25.80
CA PRO A 402 14.31 3.73 24.99
C PRO A 402 15.81 3.47 24.98
N GLU A 403 16.37 2.99 26.09
CA GLU A 403 17.80 2.70 26.12
C GLU A 403 18.15 1.56 25.18
N VAL A 404 17.37 0.46 25.22
CA VAL A 404 17.63 -0.67 24.34
C VAL A 404 17.40 -0.28 22.89
N ALA A 405 16.29 0.43 22.62
CA ALA A 405 16.01 0.87 21.25
C ALA A 405 17.13 1.76 20.73
N SER A 406 17.64 2.67 21.57
CA SER A 406 18.74 3.52 21.16
C SER A 406 20.01 2.72 20.90
N THR A 407 20.21 1.62 21.64
CA THR A 407 21.38 0.78 21.41
C THR A 407 21.28 0.04 20.09
N VAL A 408 20.10 -0.50 19.77
CA VAL A 408 19.91 -1.20 18.51
C VAL A 408 20.01 -0.23 17.34
N GLN A 409 19.55 1.02 17.52
CA GLN A 409 19.70 2.03 16.50
C GLN A 409 21.16 2.23 16.13
N GLY A 410 22.03 2.36 17.14
CA GLY A 410 23.45 2.50 16.87
C GLY A 410 24.03 1.27 16.20
N MET A 411 23.60 0.08 16.63
CA MET A 411 24.09 -1.14 16.00
C MET A 411 23.69 -1.22 14.54
N LEU A 412 22.45 -0.85 14.22
CA LEU A 412 22.01 -0.86 12.83
C LEU A 412 22.67 0.25 12.03
N GLN A 413 23.07 1.34 12.69
CA GLN A 413 23.87 2.35 12.02
C GLN A 413 25.24 1.81 11.63
N GLN A 414 25.82 0.99 12.50
CA GLN A 414 27.10 0.36 12.18
C GLN A 414 26.94 -0.70 11.09
N VAL A 415 25.79 -1.36 11.03
CA VAL A 415 25.53 -2.28 9.92
C VAL A 415 25.68 -1.57 8.58
N VAL A 416 25.30 -0.29 8.53
CA VAL A 416 25.33 0.45 7.28
C VAL A 416 26.68 1.11 7.04
N GLU A 417 27.41 1.48 8.10
CA GLU A 417 28.60 2.30 7.97
C GLU A 417 29.91 1.59 8.29
N ALA A 418 29.88 0.48 9.01
CA ALA A 418 31.12 -0.18 9.38
C ALA A 418 31.68 -0.99 8.20
N GLN A 419 32.96 -1.34 8.32
CA GLN A 419 33.64 -2.09 7.28
C GLN A 419 32.96 -3.43 7.05
N GLY A 420 32.73 -3.76 5.78
CA GLY A 420 32.00 -4.95 5.42
C GLY A 420 30.50 -4.84 5.56
N GLY A 421 29.98 -3.65 5.86
CA GLY A 421 28.56 -3.45 6.05
C GLY A 421 27.83 -3.14 4.76
N VAL A 422 26.60 -2.65 4.92
CA VAL A 422 25.72 -2.37 3.77
C VAL A 422 25.93 -0.91 3.41
N PHE A 423 27.05 -0.65 2.71
CA PHE A 423 27.42 0.72 2.40
C PHE A 423 26.58 1.33 1.28
N ARG A 424 25.91 0.51 0.47
CA ARG A 424 25.03 1.06 -0.56
C ARG A 424 23.76 1.64 0.01
N ALA A 425 23.50 1.46 1.30
CA ALA A 425 22.35 2.05 1.96
C ALA A 425 22.65 3.40 2.58
N GLN A 426 23.92 3.82 2.58
CA GLN A 426 24.29 5.10 3.18
C GLN A 426 23.62 6.25 2.44
N VAL A 427 23.12 7.21 3.20
CA VAL A 427 22.51 8.42 2.66
C VAL A 427 23.52 9.55 2.78
N PRO A 428 23.93 10.17 1.69
CA PRO A 428 24.95 11.23 1.78
C PRO A 428 24.47 12.41 2.62
N GLY A 429 25.31 12.83 3.57
CA GLY A 429 24.98 13.89 4.49
C GLY A 429 24.24 13.44 5.74
N TYR A 430 23.80 12.19 5.80
CA TYR A 430 23.03 11.68 6.93
C TYR A 430 23.64 10.38 7.43
N HIS A 431 23.29 10.04 8.68
CA HIS A 431 23.58 8.73 9.24
C HIS A 431 22.34 7.86 9.05
N ALA A 432 22.51 6.73 8.36
CA ALA A 432 21.41 5.80 8.11
C ALA A 432 21.65 4.49 8.83
N ALA A 433 20.57 3.85 9.25
CA ALA A 433 20.61 2.58 9.93
C ALA A 433 19.63 1.62 9.26
N GLY A 434 19.97 0.34 9.26
CA GLY A 434 19.11 -0.64 8.63
C GLY A 434 19.72 -2.02 8.64
N LYS A 435 19.00 -2.94 8.01
CA LYS A 435 19.39 -4.34 7.95
C LYS A 435 18.89 -4.94 6.65
N SER A 436 19.79 -5.62 5.94
CA SER A 436 19.42 -6.29 4.69
C SER A 436 19.01 -7.73 4.98
N GLY A 437 18.32 -8.33 4.02
CA GLY A 437 17.88 -9.71 4.18
C GLY A 437 17.35 -10.27 2.89
N THR A 438 16.96 -11.54 2.95
CA THR A 438 16.41 -12.24 1.80
C THR A 438 15.22 -13.07 2.25
N ALA A 439 14.12 -12.98 1.51
CA ALA A 439 12.92 -13.76 1.77
C ALA A 439 12.71 -14.76 0.63
N ARG A 440 12.26 -15.96 0.98
CA ARG A 440 12.10 -17.03 0.00
C ARG A 440 10.64 -17.37 -0.19
N LYS A 441 10.33 -17.89 -1.37
CA LYS A 441 8.97 -18.31 -1.70
C LYS A 441 8.78 -19.79 -1.41
N ALA A 453 14.73 -17.92 -7.19
CA ALA A 453 13.53 -17.40 -6.54
C ALA A 453 13.85 -16.82 -5.17
N TYR A 454 13.93 -15.49 -5.08
CA TYR A 454 14.22 -14.83 -3.82
C TYR A 454 13.44 -13.53 -3.76
N ARG A 455 13.48 -12.92 -2.58
CA ARG A 455 12.97 -11.57 -2.38
C ARG A 455 14.04 -10.74 -1.70
N SER A 456 14.50 -9.69 -2.39
CA SER A 456 15.53 -8.82 -1.85
C SER A 456 14.91 -7.81 -0.90
N LEU A 457 15.35 -7.81 0.35
CA LEU A 457 14.79 -6.96 1.40
C LEU A 457 15.85 -6.02 1.94
N PHE A 458 15.42 -4.80 2.28
CA PHE A 458 16.19 -3.93 3.14
C PHE A 458 15.22 -3.06 3.93
N ALA A 459 15.36 -3.07 5.25
CA ALA A 459 14.54 -2.28 6.14
C ALA A 459 15.44 -1.39 6.98
N GLY A 460 15.08 -0.11 7.08
CA GLY A 460 15.90 0.80 7.84
C GLY A 460 15.16 2.08 8.19
N PHE A 461 15.92 3.04 8.73
CA PHE A 461 15.38 4.33 9.12
C PHE A 461 16.50 5.36 9.12
N ALA A 462 16.12 6.63 9.22
CA ALA A 462 17.07 7.73 9.19
C ALA A 462 16.39 8.97 9.76
N PRO A 463 17.15 9.89 10.37
CA PRO A 463 18.58 9.82 10.70
C PRO A 463 18.84 8.79 11.80
N ALA A 464 20.01 8.14 11.82
CA ALA A 464 20.23 7.06 12.77
C ALA A 464 20.24 7.58 14.21
N THR A 465 20.73 8.79 14.43
N THR A 465 20.73 8.79 14.43
CA THR A 465 20.82 9.33 15.78
CA THR A 465 20.82 9.31 15.80
C THR A 465 19.53 9.94 16.27
C THR A 465 19.53 9.96 16.27
N ASP A 466 18.60 10.27 15.36
CA ASP A 466 17.33 10.89 15.72
C ASP A 466 16.30 10.53 14.66
N PRO A 467 15.83 9.28 14.66
CA PRO A 467 15.05 8.78 13.52
C PRO A 467 13.73 9.51 13.33
N ARG A 468 13.36 9.67 12.07
CA ARG A 468 12.13 10.30 11.63
C ARG A 468 11.37 9.47 10.62
N ILE A 469 12.08 8.75 9.74
CA ILE A 469 11.48 8.08 8.59
C ILE A 469 11.95 6.63 8.58
N ALA A 470 11.01 5.71 8.54
CA ALA A 470 11.30 4.28 8.35
C ALA A 470 10.90 3.86 6.94
N MET A 471 11.67 2.94 6.38
CA MET A 471 11.47 2.54 4.99
C MET A 471 11.77 1.05 4.83
N VAL A 472 11.00 0.39 3.97
CA VAL A 472 11.19 -1.02 3.64
C VAL A 472 11.13 -1.17 2.13
N VAL A 473 12.12 -1.84 1.56
CA VAL A 473 12.21 -2.07 0.12
C VAL A 473 12.17 -3.56 -0.13
N VAL A 474 11.20 -4.00 -0.94
CA VAL A 474 11.05 -5.40 -1.31
C VAL A 474 11.21 -5.49 -2.82
N ILE A 475 12.15 -6.33 -3.26
CA ILE A 475 12.37 -6.60 -4.68
C ILE A 475 12.14 -8.10 -4.88
N ASP A 476 11.18 -8.43 -5.74
N ASP A 476 11.16 -8.43 -5.72
CA ASP A 476 10.77 -9.81 -5.93
CA ASP A 476 10.76 -9.81 -5.96
C ASP A 476 11.59 -10.42 -7.06
C ASP A 476 11.63 -10.40 -7.07
N GLU A 477 12.48 -11.36 -6.71
CA GLU A 477 13.26 -12.13 -7.68
C GLU A 477 14.07 -11.27 -8.64
N PRO A 478 15.24 -10.76 -8.24
CA PRO A 478 16.14 -10.09 -9.19
C PRO A 478 16.74 -11.11 -10.15
N SER A 479 16.69 -10.79 -11.45
CA SER A 479 17.22 -11.67 -12.48
C SER A 479 18.53 -11.17 -13.10
N LYS A 480 18.99 -9.99 -12.71
CA LYS A 480 20.25 -9.46 -13.22
C LYS A 480 21.42 -10.22 -12.61
N ALA A 481 21.68 -9.98 -11.32
CA ALA A 481 22.75 -10.64 -10.60
C ALA A 481 22.59 -10.37 -9.12
N GLY A 482 22.77 -11.42 -8.31
CA GLY A 482 22.77 -11.29 -6.86
C GLY A 482 21.43 -10.93 -6.26
N TYR A 483 20.77 -11.90 -5.63
CA TYR A 483 19.52 -11.68 -4.92
C TYR A 483 19.73 -11.12 -3.52
N PHE A 484 20.92 -10.65 -3.20
CA PHE A 484 21.24 -10.17 -1.86
C PHE A 484 20.61 -8.79 -1.62
N GLY A 485 20.02 -8.63 -0.43
CA GLY A 485 19.35 -7.38 -0.11
C GLY A 485 20.29 -6.18 -0.07
N GLY A 486 21.52 -6.39 0.40
CA GLY A 486 22.49 -5.31 0.42
C GLY A 486 22.94 -4.84 -0.94
N LEU A 487 22.67 -5.60 -1.99
CA LEU A 487 23.05 -5.24 -3.35
C LEU A 487 21.91 -4.66 -4.16
N VAL A 488 20.71 -5.21 -4.03
CA VAL A 488 19.57 -4.83 -4.88
C VAL A 488 18.68 -3.81 -4.20
N SER A 489 18.26 -4.07 -2.96
CA SER A 489 17.30 -3.20 -2.30
C SER A 489 17.95 -2.01 -1.60
N ALA A 490 19.16 -2.17 -1.08
CA ALA A 490 19.82 -1.06 -0.38
C ALA A 490 20.02 0.18 -1.24
N PRO A 491 20.44 0.09 -2.51
CA PRO A 491 20.55 1.32 -3.31
C PRO A 491 19.23 2.05 -3.47
N VAL A 492 18.11 1.33 -3.49
CA VAL A 492 16.80 1.98 -3.53
C VAL A 492 16.56 2.75 -2.25
N PHE A 493 16.87 2.13 -1.10
CA PHE A 493 16.73 2.80 0.18
C PHE A 493 17.50 4.11 0.21
N SER A 494 18.75 4.09 -0.26
CA SER A 494 19.59 5.28 -0.21
C SER A 494 18.97 6.44 -1.00
N LYS A 495 18.55 6.17 -2.24
CA LYS A 495 18.00 7.23 -3.09
C LYS A 495 16.70 7.78 -2.53
N VAL A 496 15.78 6.89 -2.14
CA VAL A 496 14.46 7.34 -1.71
C VAL A 496 14.56 8.03 -0.36
N MET A 497 15.38 7.50 0.55
CA MET A 497 15.53 8.14 1.86
C MET A 497 16.15 9.52 1.73
N ALA A 498 17.12 9.68 0.83
CA ALA A 498 17.73 10.99 0.61
C ALA A 498 16.69 12.02 0.19
N GLY A 499 15.80 11.65 -0.73
CA GLY A 499 14.76 12.58 -1.14
C GLY A 499 13.69 12.79 -0.10
N ALA A 500 13.38 11.76 0.69
CA ALA A 500 12.39 11.91 1.75
C ALA A 500 12.91 12.83 2.85
N LEU A 501 14.19 12.69 3.23
CA LEU A 501 14.75 13.56 4.25
C LEU A 501 14.80 15.01 3.78
N ARG A 502 15.08 15.22 2.49
CA ARG A 502 15.18 16.58 1.98
C ARG A 502 13.80 17.24 1.87
N LEU A 503 12.82 16.50 1.32
CA LEU A 503 11.48 17.05 1.16
C LEU A 503 10.85 17.38 2.51
N MET A 504 11.22 16.65 3.57
CA MET A 504 10.70 16.89 4.91
C MET A 504 11.61 17.79 5.74
N ASN A 505 12.64 18.37 5.13
CA ASN A 505 13.51 19.36 5.77
C ASN A 505 14.17 18.80 7.04
N VAL A 506 14.53 17.52 7.00
CA VAL A 506 15.22 16.89 8.12
C VAL A 506 16.68 17.33 8.10
N PRO A 507 17.20 17.93 9.16
CA PRO A 507 18.56 18.48 9.13
C PRO A 507 19.59 17.38 9.02
N PRO A 508 20.61 17.56 8.19
CA PRO A 508 21.67 16.55 8.07
C PRO A 508 22.43 16.39 9.38
N ASP A 509 22.71 15.14 9.73
CA ASP A 509 23.44 14.80 10.95
C ASP A 509 24.79 14.17 10.66
N ASN A 510 25.24 14.15 9.41
CA ASN A 510 26.52 13.58 9.02
C ASN A 510 27.28 14.55 8.11
N LEU A 511 27.32 15.81 8.52
N LEU A 511 27.32 15.81 8.52
CA LEU A 511 28.09 16.79 7.76
CA LEU A 511 28.10 16.80 7.80
C LEU A 511 29.33 17.20 8.56
C LEU A 511 29.36 17.15 8.58
N PRO A 512 30.50 17.30 7.91
CA PRO A 512 31.76 17.63 8.58
C PRO A 512 31.79 19.07 9.11
C1 MER B . 18.79 -13.14 6.09
C2 MER B . 22.98 -12.78 4.42
C3 MER B . 19.86 -14.07 5.42
C4 MER B . 21.07 -13.34 5.45
C5 MER B . 22.07 -11.43 4.87
O6 MER B . 17.80 -12.82 5.50
C7 MER B . 20.00 -15.35 6.31
O8 MER B . 20.76 -16.31 5.67
C9 MER B . 18.62 -15.91 6.60
N10 MER B . 20.84 -11.85 4.98
C11 MER B . 22.20 -10.29 3.87
O12 MER B . 23.07 -9.40 4.07
O13 MER B . 21.45 -10.23 2.87
S14 MER B . 23.86 -12.52 2.80
C15 MER B . 25.56 -12.94 3.05
C16 MER B . 26.38 -12.59 1.81
C17 MER B . 27.09 -11.56 2.10
C18 MER B . 22.16 -13.79 4.38
N19 MER B . 26.67 -11.07 3.59
C20 MER B . 21.49 -13.96 2.91
C21 MER B . 26.15 -12.09 4.18
C22 MER B . 26.81 -10.41 1.08
N23 MER B . 27.59 -10.26 -0.15
O24 MER B . 25.93 -9.64 1.31
C25 MER B . 28.67 -11.19 -0.46
C26 MER B . 27.28 -9.18 -1.06
#